data_8ZA3
#
_entry.id   8ZA3
#
_cell.length_a   55.900
_cell.length_b   82.360
_cell.length_c   112.640
_cell.angle_alpha   90.000
_cell.angle_beta   90.000
_cell.angle_gamma   90.000
#
_symmetry.space_group_name_H-M   'I 2 2 2'
#
loop_
_entity.id
_entity.type
_entity.pdbx_description
1 polymer 'R-specific alcohol dehydrogenase'
2 non-polymer 'NADP NICOTINAMIDE-ADENINE-DINUCLEOTIDE PHOSPHATE'
3 non-polymer 'TETRAETHYLENE GLYCOL'
4 non-polymer 'MAGNESIUM ION'
5 non-polymer 1,2-ETHANEDIOL
6 water water
#
_entity_poly.entity_id   1
_entity_poly.type   'polypeptide(L)'
_entity_poly.pdbx_seq_one_letter_code
;SNRLDGKVAIITGGTLGIGLAIATKFVEEGAKVMITGRHSDVGEKAAKSVGTPDQIQFFQHDSSDEDGWTKLFDATEKAF
GPVSTLVNNAGIAVNKSVEETTTAEWRKLLAVNLDGVFFGTRLGIQRMKNKGLGASIINMSSIFGFVGDPSLGAYNASKG
AVRIMSKSAALDCALKDYDVRVNTVHPGYIKTPLVDDLPGAEEAMSQRTKTPMGHIGEPNDIAYICVYLASNESKFATGS
EFVVDGGYTAQ
;
_entity_poly.pdbx_strand_id   A
#
loop_
_chem_comp.id
_chem_comp.type
_chem_comp.name
_chem_comp.formula
EDO non-polymer 1,2-ETHANEDIOL 'C2 H6 O2'
MG non-polymer 'MAGNESIUM ION' 'Mg 2'
NAP non-polymer 'NADP NICOTINAMIDE-ADENINE-DINUCLEOTIDE PHOSPHATE' 'C21 H28 N7 O17 P3'
PG4 non-polymer 'TETRAETHYLENE GLYCOL' 'C8 H18 O5'
#
# COMPACT_ATOMS: atom_id res chain seq x y z
N SER A 1 0.86 11.50 19.62
N SER A 1 -1.44 11.02 18.48
CA SER A 1 -0.28 11.78 18.76
CA SER A 1 -0.36 11.92 18.88
C SER A 1 0.08 12.87 17.74
C SER A 1 0.05 12.90 17.78
N ASN A 2 -0.86 13.14 16.84
CA ASN A 2 -0.65 14.11 15.76
C ASN A 2 0.60 13.80 14.92
N ARG A 3 0.96 12.53 14.77
CA ARG A 3 2.17 12.22 14.04
C ARG A 3 2.04 12.50 12.54
N LEU A 4 0.82 12.68 12.04
CA LEU A 4 0.59 13.00 10.63
C LEU A 4 -0.13 14.34 10.48
N ASP A 5 0.13 15.27 11.40
CA ASP A 5 -0.52 16.56 11.39
C ASP A 5 -0.43 17.24 10.02
N GLY A 6 -1.58 17.66 9.48
CA GLY A 6 -1.63 18.36 8.22
C GLY A 6 -1.52 17.49 6.98
N LYS A 7 -1.23 16.19 7.10
CA LYS A 7 -1.02 15.36 5.93
C LYS A 7 -2.34 15.04 5.26
N VAL A 8 -2.29 14.85 3.94
CA VAL A 8 -3.44 14.49 3.13
C VAL A 8 -3.06 13.23 2.37
N ALA A 9 -3.75 12.12 2.63
CA ALA A 9 -3.29 10.82 2.15
C ALA A 9 -4.31 10.15 1.24
N ILE A 10 -3.84 9.51 0.17
CA ILE A 10 -4.63 8.58 -0.63
C ILE A 10 -4.15 7.17 -0.28
N ILE A 11 -5.10 6.28 0.03
CA ILE A 11 -4.77 4.87 0.29
C ILE A 11 -5.59 4.03 -0.66
N THR A 12 -4.93 3.33 -1.60
CA THR A 12 -5.70 2.49 -2.50
C THR A 12 -6.01 1.16 -1.84
N GLY A 13 -7.17 0.60 -2.17
CA GLY A 13 -7.58 -0.60 -1.45
C GLY A 13 -7.68 -0.35 0.04
N GLY A 14 -8.32 0.75 0.41
CA GLY A 14 -8.33 1.14 1.80
C GLY A 14 -9.64 0.85 2.50
N THR A 15 -10.47 -0.03 1.91
CA THR A 15 -11.83 -0.21 2.43
C THR A 15 -11.99 -1.49 3.25
N LEU A 16 -10.95 -2.32 3.29
CA LEU A 16 -10.95 -3.57 4.03
C LEU A 16 -9.52 -3.89 4.46
N GLY A 17 -9.43 -4.70 5.52
CA GLY A 17 -8.18 -5.36 5.85
C GLY A 17 -7.06 -4.38 6.16
N ILE A 18 -5.89 -4.64 5.57
CA ILE A 18 -4.69 -3.85 5.82
C ILE A 18 -4.91 -2.39 5.47
N GLY A 19 -5.44 -2.12 4.27
CA GLY A 19 -5.65 -0.73 3.86
C GLY A 19 -6.58 0.03 4.78
N LEU A 20 -7.64 -0.63 5.28
CA LEU A 20 -8.53 0.02 6.24
C LEU A 20 -7.82 0.33 7.55
N ALA A 21 -6.98 -0.59 8.05
CA ALA A 21 -6.21 -0.31 9.26
C ALA A 21 -5.28 0.88 9.06
N ILE A 22 -4.61 0.94 7.90
CA ILE A 22 -3.75 2.08 7.61
C ILE A 22 -4.57 3.36 7.66
N ALA A 23 -5.74 3.34 7.01
CA ALA A 23 -6.57 4.54 6.99
C ALA A 23 -7.01 4.94 8.38
N THR A 24 -7.37 3.95 9.21
CA THR A 24 -7.82 4.24 10.56
C THR A 24 -6.73 4.90 11.39
N LYS A 25 -5.52 4.32 11.36
CA LYS A 25 -4.42 4.93 12.11
C LYS A 25 -4.00 6.27 11.52
N PHE A 26 -4.07 6.43 10.20
CA PHE A 26 -3.75 7.73 9.60
C PHE A 26 -4.68 8.82 10.14
N VAL A 27 -5.98 8.54 10.19
CA VAL A 27 -6.94 9.50 10.73
C VAL A 27 -6.66 9.76 12.19
N GLU A 28 -6.37 8.70 12.96
CA GLU A 28 -6.06 8.87 14.38
C GLU A 28 -4.87 9.78 14.58
N GLU A 29 -3.90 9.77 13.66
CA GLU A 29 -2.72 10.61 13.78
C GLU A 29 -2.88 11.95 13.07
N GLY A 30 -4.10 12.32 12.68
CA GLY A 30 -4.37 13.66 12.18
C GLY A 30 -4.36 13.84 10.67
N ALA A 31 -4.16 12.78 9.90
CA ALA A 31 -4.22 12.92 8.46
C ALA A 31 -5.66 13.00 7.96
N LYS A 32 -5.86 13.66 6.83
CA LYS A 32 -7.08 13.55 6.06
C LYS A 32 -6.85 12.47 5.01
N VAL A 33 -7.86 11.59 4.79
CA VAL A 33 -7.64 10.35 4.05
C VAL A 33 -8.71 10.17 2.99
N MET A 34 -8.30 9.85 1.77
CA MET A 34 -9.20 9.32 0.75
C MET A 34 -8.85 7.85 0.53
N ILE A 35 -9.80 6.95 0.84
CA ILE A 35 -9.63 5.52 0.61
C ILE A 35 -10.29 5.13 -0.71
N THR A 36 -9.71 4.15 -1.41
CA THR A 36 -10.32 3.63 -2.63
C THR A 36 -10.59 2.14 -2.55
N GLY A 37 -11.45 1.70 -3.48
CA GLY A 37 -11.78 0.31 -3.72
C GLY A 37 -12.77 0.30 -4.87
N ARG A 38 -13.09 -0.91 -5.35
CA ARG A 38 -13.97 -1.03 -6.51
C ARG A 38 -15.44 -1.00 -6.14
N HIS A 39 -15.81 -1.42 -4.94
CA HIS A 39 -17.19 -1.54 -4.54
C HIS A 39 -17.60 -0.42 -3.59
N SER A 40 -18.64 0.32 -3.98
CA SER A 40 -19.03 1.50 -3.22
C SER A 40 -19.74 1.11 -1.94
N ASP A 41 -20.43 -0.04 -1.91
CA ASP A 41 -21.05 -0.49 -0.68
C ASP A 41 -20.02 -0.64 0.43
N VAL A 42 -18.90 -1.31 0.13
CA VAL A 42 -17.86 -1.49 1.13
C VAL A 42 -17.21 -0.16 1.45
N GLY A 43 -16.97 0.65 0.43
CA GLY A 43 -16.16 1.84 0.61
C GLY A 43 -16.87 2.91 1.43
N GLU A 44 -18.16 3.14 1.16
CA GLU A 44 -18.82 4.18 1.92
C GLU A 44 -19.02 3.76 3.37
N LYS A 45 -19.27 2.48 3.62
CA LYS A 45 -19.36 2.03 4.99
C LYS A 45 -18.02 2.14 5.70
N ALA A 46 -16.93 1.81 5.00
CA ALA A 46 -15.61 1.90 5.64
C ALA A 46 -15.29 3.33 6.05
N ALA A 47 -15.51 4.29 5.14
CA ALA A 47 -15.21 5.68 5.48
C ALA A 47 -16.01 6.12 6.69
N LYS A 48 -17.32 5.86 6.70
CA LYS A 48 -18.19 6.26 7.81
C LYS A 48 -17.78 5.60 9.12
N SER A 49 -17.25 4.39 9.06
CA SER A 49 -16.83 3.68 10.27
C SER A 49 -15.60 4.31 10.90
N VAL A 50 -14.82 5.09 10.15
CA VAL A 50 -13.56 5.65 10.64
C VAL A 50 -13.73 7.09 11.12
N GLY A 51 -14.45 7.92 10.38
CA GLY A 51 -14.59 9.32 10.78
C GLY A 51 -15.62 10.02 9.93
N THR A 52 -15.70 11.34 10.09
CA THR A 52 -16.61 12.17 9.32
C THR A 52 -16.01 12.48 7.95
N PRO A 53 -16.81 13.01 7.02
CA PRO A 53 -16.25 13.40 5.72
C PRO A 53 -15.16 14.45 5.81
N ASP A 54 -15.10 15.22 6.90
CA ASP A 54 -14.00 16.17 7.11
C ASP A 54 -12.67 15.47 7.36
N GLN A 55 -12.70 14.19 7.73
CA GLN A 55 -11.51 13.40 8.02
C GLN A 55 -11.21 12.37 6.95
N ILE A 56 -12.24 11.73 6.40
CA ILE A 56 -12.01 10.58 5.54
C ILE A 56 -13.18 10.43 4.57
N GLN A 57 -12.86 10.20 3.30
CA GLN A 57 -13.87 9.93 2.29
C GLN A 57 -13.44 8.74 1.44
N PHE A 58 -14.41 8.23 0.67
CA PHE A 58 -14.20 7.13 -0.26
C PHE A 58 -14.29 7.62 -1.70
N PHE A 59 -13.42 7.06 -2.55
CA PHE A 59 -13.45 7.30 -3.99
C PHE A 59 -13.40 5.95 -4.69
N GLN A 60 -14.41 5.66 -5.50
CA GLN A 60 -14.49 4.39 -6.20
C GLN A 60 -13.51 4.37 -7.38
N HIS A 61 -12.59 3.40 -7.36
CA HIS A 61 -11.53 3.38 -8.35
C HIS A 61 -10.84 2.03 -8.37
N ASP A 62 -10.66 1.45 -9.55
CA ASP A 62 -9.82 0.29 -9.76
C ASP A 62 -8.40 0.80 -10.04
N SER A 63 -7.42 0.35 -9.24
CA SER A 63 -6.08 0.94 -9.36
C SER A 63 -5.42 0.65 -10.71
N SER A 64 -5.95 -0.28 -11.51
CA SER A 64 -5.45 -0.49 -12.87
C SER A 64 -5.96 0.55 -13.86
N ASP A 65 -6.88 1.42 -13.44
CA ASP A 65 -7.56 2.38 -14.32
C ASP A 65 -6.73 3.66 -14.34
N GLU A 66 -5.97 3.86 -15.43
CA GLU A 66 -5.06 5.00 -15.51
C GLU A 66 -5.78 6.34 -15.48
N ASP A 67 -6.84 6.49 -16.28
CA ASP A 67 -7.54 7.77 -16.26
C ASP A 67 -8.19 8.04 -14.91
N GLY A 68 -8.65 6.99 -14.23
CA GLY A 68 -9.26 7.18 -12.92
C GLY A 68 -8.30 7.70 -11.87
N TRP A 69 -7.00 7.43 -12.04
CA TRP A 69 -6.01 7.94 -11.09
C TRP A 69 -6.01 9.46 -11.07
N THR A 70 -6.13 10.09 -12.25
CA THR A 70 -6.23 11.54 -12.31
C THR A 70 -7.44 12.04 -11.56
N LYS A 71 -8.60 11.40 -11.79
CA LYS A 71 -9.82 11.80 -11.10
C LYS A 71 -9.72 11.58 -9.61
N LEU A 72 -8.99 10.55 -9.18
CA LEU A 72 -8.79 10.28 -7.76
C LEU A 72 -7.98 11.39 -7.10
N PHE A 73 -6.85 11.79 -7.69
CA PHE A 73 -6.09 12.91 -7.13
C PHE A 73 -6.89 14.20 -7.17
N ASP A 74 -7.63 14.46 -8.26
CA ASP A 74 -8.47 15.65 -8.35
C ASP A 74 -9.48 15.68 -7.21
N ALA A 75 -10.17 14.57 -6.98
CA ALA A 75 -11.20 14.56 -5.94
C ALA A 75 -10.58 14.72 -4.56
N THR A 76 -9.41 14.13 -4.34
CA THR A 76 -8.79 14.29 -3.03
C THR A 76 -8.36 15.74 -2.79
N GLU A 77 -7.79 16.39 -3.81
CA GLU A 77 -7.42 17.79 -3.68
C GLU A 77 -8.64 18.65 -3.35
N LYS A 78 -9.77 18.38 -4.03
CA LYS A 78 -10.98 19.16 -3.83
C LYS A 78 -11.51 19.01 -2.41
N ALA A 79 -11.40 17.81 -1.84
CA ALA A 79 -11.94 17.57 -0.52
C ALA A 79 -11.03 18.12 0.57
N PHE A 80 -9.72 17.94 0.41
CA PHE A 80 -8.79 18.06 1.52
C PHE A 80 -7.62 18.97 1.26
N GLY A 81 -7.40 19.41 0.03
CA GLY A 81 -6.21 20.15 -0.33
C GLY A 81 -5.15 19.26 -0.94
N PRO A 82 -4.00 19.85 -1.26
CA PRO A 82 -2.94 19.09 -1.94
C PRO A 82 -2.56 17.81 -1.23
N VAL A 83 -2.44 16.74 -2.03
CA VAL A 83 -2.09 15.43 -1.50
C VAL A 83 -0.61 15.42 -1.13
N SER A 84 -0.32 14.94 0.07
CA SER A 84 1.05 14.78 0.52
C SER A 84 1.50 13.33 0.59
N THR A 85 0.58 12.37 0.60
CA THR A 85 0.91 11.00 0.99
C THR A 85 0.12 10.02 0.14
N LEU A 86 0.80 9.01 -0.41
CA LEU A 86 0.12 8.00 -1.23
C LEU A 86 0.56 6.63 -0.76
N VAL A 87 -0.40 5.78 -0.39
CA VAL A 87 -0.11 4.38 -0.07
C VAL A 87 -0.69 3.54 -1.20
N ASN A 88 0.19 2.93 -2.01
CA ASN A 88 -0.25 2.07 -3.13
C ASN A 88 -0.41 0.68 -2.56
N ASN A 89 -1.60 0.37 -2.03
CA ASN A 89 -1.85 -0.86 -1.29
C ASN A 89 -2.68 -1.88 -2.04
N ALA A 90 -3.53 -1.45 -2.99
CA ALA A 90 -4.40 -2.38 -3.70
C ALA A 90 -3.56 -3.40 -4.47
N GLY A 91 -3.97 -4.66 -4.39
CA GLY A 91 -3.24 -5.71 -5.05
C GLY A 91 -4.07 -6.97 -5.06
N ILE A 92 -3.75 -7.85 -6.01
CA ILE A 92 -4.42 -9.14 -6.09
C ILE A 92 -3.39 -10.25 -6.22
N ALA A 93 -3.83 -11.48 -5.97
CA ALA A 93 -2.96 -12.63 -6.07
C ALA A 93 -3.64 -13.70 -6.91
N VAL A 94 -2.83 -14.43 -7.66
CA VAL A 94 -3.23 -15.62 -8.38
C VAL A 94 -2.48 -16.80 -7.77
N ASN A 95 -3.20 -17.86 -7.44
CA ASN A 95 -2.58 -19.05 -6.85
C ASN A 95 -2.15 -19.97 -8.00
N LYS A 96 -1.09 -19.55 -8.69
CA LYS A 96 -0.57 -20.34 -9.78
C LYS A 96 0.95 -20.23 -9.81
N SER A 97 1.59 -21.35 -10.11
CA SER A 97 2.99 -21.37 -10.47
C SER A 97 3.18 -20.61 -11.78
N VAL A 98 4.42 -20.17 -12.02
CA VAL A 98 4.74 -19.61 -13.33
C VAL A 98 4.30 -20.55 -14.45
N GLU A 99 4.61 -21.85 -14.30
CA GLU A 99 4.28 -22.85 -15.32
C GLU A 99 2.78 -22.85 -15.67
N GLU A 100 1.93 -22.66 -14.67
CA GLU A 100 0.49 -22.80 -14.82
C GLU A 100 -0.24 -21.48 -14.90
N THR A 101 0.48 -20.37 -15.04
CA THR A 101 -0.17 -19.07 -15.14
C THR A 101 -0.65 -18.84 -16.57
N THR A 102 -1.94 -18.57 -16.75
CA THR A 102 -2.39 -18.19 -18.09
C THR A 102 -1.98 -16.75 -18.37
N THR A 103 -1.91 -16.41 -19.66
CA THR A 103 -1.54 -15.04 -19.98
C THR A 103 -2.61 -14.06 -19.50
N ALA A 104 -3.89 -14.46 -19.52
CA ALA A 104 -4.93 -13.57 -19.00
C ALA A 104 -4.72 -13.31 -17.53
N GLU A 105 -4.35 -14.34 -16.75
CA GLU A 105 -4.07 -14.16 -15.33
C GLU A 105 -2.87 -13.25 -15.14
N TRP A 106 -1.82 -13.49 -15.90
CA TRP A 106 -0.62 -12.66 -15.86
C TRP A 106 -0.95 -11.19 -16.09
N ARG A 107 -1.69 -10.90 -17.16
CA ARG A 107 -1.98 -9.50 -17.49
C ARG A 107 -2.91 -8.86 -16.47
N LYS A 108 -3.89 -9.62 -15.97
CA LYS A 108 -4.81 -9.06 -14.97
C LYS A 108 -4.06 -8.70 -13.70
N LEU A 109 -3.23 -9.61 -13.18
CA LEU A 109 -2.51 -9.33 -11.96
C LEU A 109 -1.56 -8.15 -12.15
N LEU A 110 -0.81 -8.13 -13.26
CA LEU A 110 0.15 -7.05 -13.46
C LEU A 110 -0.56 -5.72 -13.65
N ALA A 111 -1.77 -5.73 -14.22
CA ALA A 111 -2.49 -4.47 -14.39
C ALA A 111 -2.76 -3.80 -13.05
N VAL A 112 -3.15 -4.59 -12.04
CA VAL A 112 -3.41 -4.02 -10.73
C VAL A 112 -2.12 -3.78 -9.96
N ASN A 113 -1.28 -4.82 -9.84
CA ASN A 113 -0.17 -4.82 -8.89
C ASN A 113 1.03 -4.05 -9.40
N LEU A 114 1.22 -3.98 -10.71
CA LEU A 114 2.38 -3.31 -11.28
C LEU A 114 1.98 -2.03 -12.00
N ASP A 115 1.11 -2.12 -13.02
CA ASP A 115 0.67 -0.90 -13.70
C ASP A 115 0.04 0.07 -12.71
N GLY A 116 -0.81 -0.44 -11.81
CA GLY A 116 -1.47 0.46 -10.89
C GLY A 116 -0.51 1.20 -9.99
N VAL A 117 0.53 0.51 -9.49
CA VAL A 117 1.50 1.15 -8.61
C VAL A 117 2.36 2.13 -9.40
N PHE A 118 2.69 1.78 -10.64
CA PHE A 118 3.37 2.72 -11.53
C PHE A 118 2.53 3.97 -11.77
N PHE A 119 1.24 3.80 -12.12
CA PHE A 119 0.38 4.96 -12.36
C PHE A 119 0.30 5.86 -11.13
N GLY A 120 0.14 5.27 -9.95
CA GLY A 120 0.05 6.07 -8.75
C GLY A 120 1.36 6.73 -8.39
N THR A 121 2.47 5.99 -8.50
CA THR A 121 3.78 6.58 -8.21
C THR A 121 4.11 7.71 -9.17
N ARG A 122 3.94 7.48 -10.48
CA ARG A 122 4.23 8.51 -11.46
C ARG A 122 3.40 9.77 -11.21
N LEU A 123 2.07 9.60 -11.08
CA LEU A 123 1.21 10.75 -10.82
C LEU A 123 1.53 11.41 -9.48
N GLY A 124 1.78 10.60 -8.45
CA GLY A 124 2.13 11.15 -7.14
C GLY A 124 3.33 12.07 -7.20
N ILE A 125 4.40 11.63 -7.87
CA ILE A 125 5.57 12.51 -8.01
C ILE A 125 5.17 13.79 -8.69
N GLN A 126 4.39 13.70 -9.77
CA GLN A 126 4.07 14.91 -10.54
C GLN A 126 3.21 15.88 -9.72
N ARG A 127 2.34 15.35 -8.85
CA ARG A 127 1.43 16.18 -8.07
C ARG A 127 2.03 16.63 -6.74
N MET A 128 2.95 15.87 -6.15
CA MET A 128 3.42 16.20 -4.83
C MET A 128 4.77 16.91 -4.82
N LYS A 129 5.53 16.89 -5.91
CA LYS A 129 6.87 17.46 -5.90
C LYS A 129 6.84 18.97 -5.71
N ASN A 130 7.86 19.47 -5.01
CA ASN A 130 8.16 20.91 -4.94
C ASN A 130 7.06 21.72 -4.24
N LYS A 131 6.31 21.10 -3.33
CA LYS A 131 5.26 21.79 -2.62
C LYS A 131 5.52 21.91 -1.13
N GLY A 132 6.68 21.47 -0.66
CA GLY A 132 6.99 21.58 0.75
C GLY A 132 6.06 20.78 1.64
N LEU A 133 5.52 19.69 1.12
CA LEU A 133 4.56 18.88 1.88
C LEU A 133 5.19 17.79 2.72
N GLY A 134 6.48 17.52 2.57
CA GLY A 134 7.08 16.38 3.22
C GLY A 134 6.41 15.14 2.66
N ALA A 135 6.40 15.05 1.34
CA ALA A 135 5.58 14.03 0.68
C ALA A 135 6.21 12.64 0.77
N SER A 136 5.35 11.62 0.79
CA SER A 136 5.79 10.26 0.99
C SER A 136 4.92 9.32 0.17
N ILE A 137 5.55 8.49 -0.66
CA ILE A 137 4.87 7.43 -1.41
C ILE A 137 5.31 6.11 -0.80
N ILE A 138 4.33 5.34 -0.33
CA ILE A 138 4.55 4.07 0.36
C ILE A 138 4.00 2.98 -0.53
N ASN A 139 4.86 2.20 -1.16
CA ASN A 139 4.41 1.17 -2.09
C ASN A 139 4.40 -0.17 -1.38
N MET A 140 3.23 -0.76 -1.32
CA MET A 140 3.08 -2.04 -0.67
C MET A 140 3.69 -3.10 -1.55
N SER A 141 4.72 -3.76 -1.04
CA SER A 141 5.26 -4.94 -1.69
C SER A 141 4.87 -6.13 -0.81
N SER A 142 5.81 -6.98 -0.42
CA SER A 142 5.48 -8.25 0.17
C SER A 142 6.80 -8.90 0.55
N ILE A 143 6.74 -9.83 1.50
CA ILE A 143 7.86 -10.76 1.59
C ILE A 143 8.14 -11.40 0.24
N PHE A 144 7.13 -11.50 -0.62
CA PHE A 144 7.29 -12.11 -1.94
C PHE A 144 7.82 -11.12 -2.97
N GLY A 145 8.27 -9.96 -2.52
CA GLY A 145 9.21 -9.16 -3.28
C GLY A 145 10.65 -9.48 -2.97
N PHE A 146 10.90 -10.33 -1.97
CA PHE A 146 12.24 -10.79 -1.57
C PHE A 146 12.48 -12.25 -1.92
N VAL A 147 11.51 -13.13 -1.63
CA VAL A 147 11.69 -14.55 -1.83
C VAL A 147 10.59 -15.05 -2.75
N GLY A 148 10.90 -16.13 -3.47
CA GLY A 148 9.89 -16.77 -4.28
C GLY A 148 8.90 -17.58 -3.47
N ASP A 149 7.75 -17.83 -4.09
CA ASP A 149 6.83 -18.85 -3.64
C ASP A 149 6.45 -19.61 -4.89
N PRO A 150 6.49 -20.95 -4.87
CA PRO A 150 6.28 -21.71 -6.11
C PRO A 150 4.89 -21.54 -6.69
N SER A 151 3.93 -21.12 -5.87
CA SER A 151 2.55 -20.98 -6.34
C SER A 151 2.12 -19.53 -6.45
N LEU A 152 3.07 -18.60 -6.52
CA LEU A 152 2.77 -17.18 -6.63
C LEU A 152 3.61 -16.53 -7.73
N GLY A 153 3.69 -17.17 -8.89
CA GLY A 153 4.60 -16.68 -9.93
C GLY A 153 4.38 -15.25 -10.37
N ALA A 154 3.16 -14.92 -10.81
CA ALA A 154 2.87 -13.56 -11.26
C ALA A 154 2.94 -12.56 -10.10
N TYR A 155 2.46 -12.96 -8.92
CA TYR A 155 2.57 -12.13 -7.73
C TYR A 155 4.02 -11.76 -7.46
N ASN A 156 4.90 -12.77 -7.44
CA ASN A 156 6.34 -12.56 -7.25
C ASN A 156 6.87 -11.55 -8.26
N ALA A 157 6.50 -11.72 -9.53
CA ALA A 157 6.97 -10.78 -10.55
C ALA A 157 6.57 -9.36 -10.20
N SER A 158 5.29 -9.16 -9.84
CA SER A 158 4.79 -7.82 -9.57
C SER A 158 5.45 -7.21 -8.33
N LYS A 159 5.69 -8.02 -7.28
CA LYS A 159 6.24 -7.44 -6.05
C LYS A 159 7.73 -7.18 -6.18
N GLY A 160 8.45 -7.99 -6.97
CA GLY A 160 9.84 -7.67 -7.27
C GLY A 160 9.95 -6.41 -8.11
N ALA A 161 9.02 -6.23 -9.06
CA ALA A 161 9.00 -4.99 -9.85
C ALA A 161 8.73 -3.78 -8.98
N VAL A 162 7.74 -3.86 -8.08
CA VAL A 162 7.44 -2.73 -7.21
C VAL A 162 8.65 -2.40 -6.33
N ARG A 163 9.32 -3.41 -5.80
CA ARG A 163 10.47 -3.20 -4.95
C ARG A 163 11.56 -2.35 -5.63
N ILE A 164 11.93 -2.69 -6.87
CA ILE A 164 13.06 -1.99 -7.50
C ILE A 164 12.61 -0.72 -8.21
N MET A 165 11.41 -0.72 -8.82
N MET A 165 11.42 -0.72 -8.81
CA MET A 165 10.90 0.52 -9.40
CA MET A 165 10.92 0.52 -9.40
C MET A 165 10.83 1.62 -8.35
C MET A 165 10.82 1.63 -8.35
N SER A 166 10.47 1.27 -7.12
CA SER A 166 10.37 2.27 -6.05
C SER A 166 11.73 2.89 -5.73
N LYS A 167 12.82 2.11 -5.83
CA LYS A 167 14.16 2.67 -5.63
C LYS A 167 14.50 3.67 -6.72
N SER A 168 14.10 3.39 -7.97
CA SER A 168 14.36 4.35 -9.04
C SER A 168 13.69 5.69 -8.74
N ALA A 169 12.41 5.63 -8.36
CA ALA A 169 11.64 6.82 -8.06
C ALA A 169 12.22 7.54 -6.85
N ALA A 170 12.60 6.80 -5.81
CA ALA A 170 13.25 7.41 -4.65
C ALA A 170 14.49 8.19 -5.05
N LEU A 171 15.35 7.58 -5.87
CA LEU A 171 16.58 8.25 -6.25
C LEU A 171 16.29 9.51 -7.05
N ASP A 172 15.39 9.43 -8.03
CA ASP A 172 15.14 10.59 -8.86
C ASP A 172 14.58 11.73 -8.02
N CYS A 173 13.63 11.41 -7.13
CA CYS A 173 13.05 12.42 -6.26
C CYS A 173 14.08 13.03 -5.33
N ALA A 174 15.02 12.21 -4.82
CA ALA A 174 16.06 12.72 -3.92
C ALA A 174 17.03 13.61 -4.68
N LEU A 175 17.49 13.15 -5.85
CA LEU A 175 18.50 13.90 -6.61
C LEU A 175 17.96 15.22 -7.10
N LYS A 176 16.65 15.30 -7.33
CA LYS A 176 16.06 16.51 -7.86
C LYS A 176 15.44 17.39 -6.79
N ASP A 177 15.63 17.02 -5.51
CA ASP A 177 15.16 17.82 -4.37
C ASP A 177 13.66 18.07 -4.43
N TYR A 178 12.92 17.03 -4.82
CA TYR A 178 11.47 17.13 -5.01
C TYR A 178 10.70 17.17 -3.69
N ASP A 179 11.34 16.83 -2.57
CA ASP A 179 10.63 16.65 -1.29
C ASP A 179 9.56 15.56 -1.40
N VAL A 180 9.93 14.46 -2.05
CA VAL A 180 9.10 13.26 -2.13
C VAL A 180 10.00 12.09 -1.79
N ARG A 181 9.59 11.29 -0.80
CA ARG A 181 10.27 10.04 -0.52
C ARG A 181 9.45 8.88 -1.06
N VAL A 182 10.13 7.78 -1.39
CA VAL A 182 9.47 6.56 -1.89
C VAL A 182 10.09 5.37 -1.18
N ASN A 183 9.27 4.56 -0.50
CA ASN A 183 9.76 3.39 0.22
C ASN A 183 8.77 2.26 0.03
N THR A 184 9.23 1.04 0.29
CA THR A 184 8.33 -0.11 0.18
C THR A 184 8.16 -0.78 1.54
N VAL A 185 6.94 -1.28 1.75
CA VAL A 185 6.58 -2.05 2.94
C VAL A 185 6.32 -3.49 2.51
N HIS A 186 6.86 -4.44 3.27
CA HIS A 186 6.82 -5.86 2.88
C HIS A 186 6.18 -6.65 4.00
N PRO A 187 4.86 -6.78 4.00
CA PRO A 187 4.21 -7.63 5.00
C PRO A 187 4.53 -9.08 4.77
N GLY A 188 4.66 -9.82 5.87
CA GLY A 188 4.50 -11.25 5.87
C GLY A 188 3.04 -11.62 5.85
N TYR A 189 2.71 -12.77 6.43
CA TYR A 189 1.32 -13.20 6.46
C TYR A 189 0.55 -12.42 7.52
N ILE A 190 -0.61 -11.87 7.15
CA ILE A 190 -1.41 -11.01 8.02
C ILE A 190 -2.84 -11.54 8.01
N LYS A 191 -3.47 -11.60 9.20
CA LYS A 191 -4.86 -12.07 9.30
C LYS A 191 -5.78 -11.02 8.70
N THR A 192 -6.36 -11.35 7.53
CA THR A 192 -7.24 -10.48 6.77
C THR A 192 -8.54 -11.24 6.53
N PRO A 193 -9.58 -10.58 6.01
CA PRO A 193 -10.80 -11.33 5.65
C PRO A 193 -10.56 -12.42 4.62
N LEU A 194 -9.71 -12.18 3.62
CA LEU A 194 -9.41 -13.23 2.66
C LEU A 194 -8.81 -14.46 3.33
N VAL A 195 -7.90 -14.24 4.29
CA VAL A 195 -7.28 -15.36 5.01
C VAL A 195 -8.35 -16.13 5.79
N ASP A 196 -9.22 -15.41 6.48
CA ASP A 196 -10.22 -16.10 7.29
C ASP A 196 -11.24 -16.83 6.44
N ASP A 197 -11.35 -16.52 5.15
CA ASP A 197 -12.27 -17.20 4.25
C ASP A 197 -11.67 -18.44 3.62
N LEU A 198 -10.38 -18.73 3.87
CA LEU A 198 -9.75 -19.91 3.31
C LEU A 198 -9.47 -20.93 4.40
N PRO A 199 -10.23 -22.00 4.50
CA PRO A 199 -10.03 -22.95 5.61
C PRO A 199 -8.62 -23.50 5.60
N GLY A 200 -7.98 -23.48 6.77
CA GLY A 200 -6.63 -24.01 6.90
C GLY A 200 -5.51 -23.04 6.54
N ALA A 201 -5.83 -21.90 5.94
CA ALA A 201 -4.80 -20.97 5.49
C ALA A 201 -3.97 -20.46 6.66
N GLU A 202 -4.63 -19.99 7.71
CA GLU A 202 -3.89 -19.39 8.82
C GLU A 202 -2.96 -20.42 9.48
N GLU A 203 -3.45 -21.65 9.64
CA GLU A 203 -2.60 -22.68 10.25
C GLU A 203 -1.38 -22.95 9.38
N ALA A 204 -1.57 -22.99 8.06
CA ALA A 204 -0.44 -23.22 7.16
C ALA A 204 0.54 -22.06 7.23
N MET A 205 0.03 -20.84 7.27
CA MET A 205 0.90 -19.68 7.34
C MET A 205 1.65 -19.58 8.67
N SER A 206 1.10 -20.19 9.73
CA SER A 206 1.67 -20.12 11.07
C SER A 206 2.67 -21.22 11.38
N GLN A 207 2.87 -22.19 10.48
CA GLN A 207 3.88 -23.21 10.74
C GLN A 207 5.23 -22.53 10.90
N ARG A 208 6.05 -23.05 11.82
CA ARG A 208 7.33 -22.41 12.13
C ARG A 208 8.25 -22.35 10.91
N THR A 209 8.13 -23.33 9.99
CA THR A 209 8.87 -23.34 8.74
C THR A 209 8.46 -22.23 7.78
N LYS A 210 7.35 -21.54 8.07
CA LYS A 210 6.92 -20.36 7.31
C LYS A 210 7.12 -19.12 8.16
N THR A 211 6.35 -18.97 9.26
CA THR A 211 6.48 -17.82 10.15
C THR A 211 7.08 -18.27 11.47
N PRO A 212 8.34 -17.94 11.76
CA PRO A 212 8.98 -18.46 12.99
C PRO A 212 8.25 -18.07 14.27
N MET A 213 7.54 -16.93 14.30
CA MET A 213 6.78 -16.56 15.49
C MET A 213 5.62 -17.50 15.77
N GLY A 214 5.25 -18.35 14.81
CA GLY A 214 4.23 -19.37 15.08
C GLY A 214 2.80 -18.88 14.98
N HIS A 215 2.61 -17.68 14.45
CA HIS A 215 1.30 -17.09 14.25
C HIS A 215 1.49 -16.02 13.18
N ILE A 216 0.39 -15.56 12.62
CA ILE A 216 0.45 -14.50 11.63
C ILE A 216 0.14 -13.16 12.30
N GLY A 217 0.34 -12.07 11.55
CA GLY A 217 0.19 -10.74 12.07
C GLY A 217 -1.24 -10.25 11.95
N GLU A 218 -1.42 -8.98 12.25
CA GLU A 218 -2.74 -8.35 12.14
C GLU A 218 -2.60 -7.05 11.36
N PRO A 219 -3.71 -6.53 10.82
CA PRO A 219 -3.60 -5.32 9.97
C PRO A 219 -2.91 -4.14 10.62
N ASN A 220 -3.09 -3.92 11.93
CA ASN A 220 -2.42 -2.79 12.57
C ASN A 220 -0.91 -2.93 12.55
N ASP A 221 -0.38 -4.16 12.40
CA ASP A 221 1.07 -4.30 12.25
C ASP A 221 1.56 -3.56 11.02
N ILE A 222 0.78 -3.59 9.94
CA ILE A 222 1.21 -2.85 8.76
C ILE A 222 0.84 -1.38 8.89
N ALA A 223 -0.29 -1.04 9.55
CA ALA A 223 -0.64 0.37 9.74
C ALA A 223 0.48 1.14 10.44
N TYR A 224 1.09 0.56 11.48
CA TYR A 224 2.05 1.33 12.28
C TYR A 224 3.32 1.65 11.49
N ILE A 225 3.81 0.72 10.67
CA ILE A 225 5.00 1.07 9.89
C ILE A 225 4.63 2.09 8.82
N CYS A 226 3.40 2.05 8.32
CA CYS A 226 2.99 3.07 7.35
C CYS A 226 2.87 4.44 7.99
N VAL A 227 2.44 4.53 9.26
CA VAL A 227 2.40 5.84 9.91
C VAL A 227 3.81 6.41 10.01
N TYR A 228 4.78 5.60 10.43
CA TYR A 228 6.16 6.06 10.50
C TYR A 228 6.64 6.58 9.14
N LEU A 229 6.37 5.83 8.07
CA LEU A 229 6.87 6.24 6.75
C LEU A 229 6.14 7.46 6.18
N ALA A 230 4.87 7.67 6.55
CA ALA A 230 4.14 8.86 6.09
C ALA A 230 4.54 10.10 6.87
N SER A 231 5.07 9.91 8.07
N SER A 231 5.03 9.93 8.09
CA SER A 231 5.36 11.00 8.98
CA SER A 231 5.32 11.06 8.94
C SER A 231 6.72 11.62 8.68
C SER A 231 6.69 11.64 8.63
N ASN A 232 6.88 12.89 9.05
CA ASN A 232 8.19 13.53 8.95
C ASN A 232 9.23 12.88 9.86
N GLU A 233 8.80 11.97 10.76
CA GLU A 233 9.78 11.18 11.51
C GLU A 233 10.74 10.45 10.61
N SER A 234 10.31 10.08 9.39
CA SER A 234 11.11 9.27 8.47
C SER A 234 11.67 10.08 7.30
N LYS A 235 11.89 11.37 7.53
CA LYS A 235 12.34 12.32 6.50
C LYS A 235 13.70 12.01 5.89
N PHE A 236 14.49 11.12 6.49
CA PHE A 236 15.75 10.68 5.89
C PHE A 236 15.67 9.27 5.31
N ALA A 237 14.50 8.65 5.31
CA ALA A 237 14.34 7.30 4.79
C ALA A 237 13.77 7.37 3.38
N THR A 238 14.54 6.90 2.41
CA THR A 238 14.01 6.81 1.05
C THR A 238 14.74 5.71 0.31
N GLY A 239 14.01 5.04 -0.58
CA GLY A 239 14.61 3.96 -1.32
C GLY A 239 14.77 2.67 -0.57
N SER A 240 14.17 2.55 0.61
CA SER A 240 14.37 1.42 1.52
C SER A 240 13.15 0.51 1.59
N GLU A 241 13.43 -0.72 2.00
CA GLU A 241 12.43 -1.78 2.18
C GLU A 241 12.19 -2.04 3.66
N PHE A 242 10.93 -2.03 4.09
CA PHE A 242 10.60 -2.19 5.51
C PHE A 242 9.77 -3.47 5.66
N VAL A 243 10.36 -4.46 6.33
CA VAL A 243 9.79 -5.83 6.41
C VAL A 243 9.16 -6.04 7.78
N VAL A 244 7.92 -6.52 7.79
CA VAL A 244 7.20 -6.81 9.02
C VAL A 244 6.55 -8.18 8.81
N ASP A 245 7.26 -9.25 9.19
CA ASP A 245 6.89 -10.58 8.68
C ASP A 245 7.02 -11.71 9.69
N GLY A 246 7.16 -11.42 10.97
CA GLY A 246 7.23 -12.49 11.95
C GLY A 246 8.45 -13.38 11.84
N GLY A 247 9.48 -12.94 11.10
CA GLY A 247 10.69 -13.69 10.89
C GLY A 247 10.75 -14.48 9.59
N TYR A 248 9.70 -14.39 8.75
CA TYR A 248 9.63 -15.25 7.56
C TYR A 248 10.91 -15.21 6.71
N THR A 249 11.40 -14.00 6.41
CA THR A 249 12.53 -13.86 5.50
C THR A 249 13.88 -13.95 6.22
N ALA A 250 13.90 -14.01 7.54
CA ALA A 250 15.15 -14.10 8.28
C ALA A 250 15.73 -15.51 8.28
N GLN A 251 14.94 -16.53 7.95
CA GLN A 251 15.45 -17.89 7.81
C GLN A 251 15.48 -18.32 6.35
PA NAP B . -9.98 -7.80 -0.65
O1A NAP B . -9.51 -8.43 0.60
O2A NAP B . -11.35 -7.23 -0.67
O5B NAP B . -8.91 -6.68 -1.09
C5B NAP B . -8.41 -5.75 -0.09
C4B NAP B . -8.74 -4.32 -0.45
O4B NAP B . -8.25 -3.99 -1.78
C3B NAP B . -10.22 -3.94 -0.47
O3B NAP B . -10.34 -2.59 -0.01
C2B NAP B . -10.56 -4.08 -1.94
O2B NAP B . -11.74 -3.33 -2.21
C1B NAP B . -9.30 -3.47 -2.55
N9A NAP B . -9.06 -3.77 -3.95
C8A NAP B . -9.00 -4.99 -4.56
N7A NAP B . -8.75 -4.93 -5.84
C5A NAP B . -8.64 -3.58 -6.09
C6A NAP B . -8.38 -2.85 -7.27
N6A NAP B . -8.18 -3.40 -8.45
N1A NAP B . -8.34 -1.50 -7.18
C2A NAP B . -8.54 -0.93 -5.99
N3A NAP B . -8.80 -1.51 -4.81
C4A NAP B . -8.82 -2.85 -4.94
O3 NAP B . -9.86 -8.83 -1.87
PN NAP B . -10.65 -8.98 -3.26
O1N NAP B . -9.76 -8.52 -4.37
O2N NAP B . -12.00 -8.35 -3.17
O5D NAP B . -10.82 -10.56 -3.31
C5D NAP B . -10.60 -11.27 -4.54
C4D NAP B . -9.70 -12.45 -4.26
O4D NAP B . -10.33 -13.34 -3.33
C3D NAP B . -9.38 -13.38 -5.43
O3D NAP B . -8.34 -12.81 -6.23
C2D NAP B . -9.01 -14.70 -4.74
O2D NAP B . -7.61 -14.95 -4.64
C1D NAP B . -9.56 -14.53 -3.32
N1N NAP B . -10.45 -15.62 -2.85
C2N NAP B . -10.95 -16.53 -3.75
C3N NAP B . -11.78 -17.54 -3.30
C7N NAP B . -12.31 -18.52 -4.31
O7N NAP B . -12.62 -18.11 -5.44
N7N NAP B . -12.42 -19.79 -3.96
C4N NAP B . -12.12 -17.63 -1.96
C5N NAP B . -11.60 -16.72 -1.06
C6N NAP B . -10.78 -15.71 -1.51
P2B NAP B . -12.61 -3.93 -3.41
O1X NAP B . -12.59 -5.42 -3.43
O2X NAP B . -13.96 -3.37 -3.09
O3X NAP B . -12.02 -3.33 -4.63
O1 PG4 C . 4.17 16.80 13.52
C1 PG4 C . 4.82 15.55 13.35
C2 PG4 C . 6.28 15.64 13.61
O2 PG4 C . 6.96 14.43 13.27
C3 PG4 C . 8.35 14.46 13.54
C4 PG4 C . 9.03 15.31 12.52
O3 PG4 C . 10.16 15.92 13.11
C5 PG4 C . 10.35 17.25 12.64
C6 PG4 C . 11.03 17.24 11.31
O4 PG4 C . 10.20 17.87 10.33
C7 PG4 C . 10.95 18.48 9.30
C8 PG4 C . 10.18 18.51 8.01
O5 PG4 C . 10.24 17.27 7.33
MG MG D . 14.16 -18.11 3.55
MG MG E . -13.17 -7.24 -2.37
C1 EDO F . 0.37 21.85 5.73
O1 EDO F . -1.06 21.91 5.60
C2 EDO F . 1.01 21.66 4.36
O2 EDO F . 2.31 22.25 4.37
#